data_2EUZ
#
_entry.id   2EUZ
#
_cell.length_a   70.282
_cell.length_b   78.839
_cell.length_c   161.651
_cell.angle_alpha   90.00
_cell.angle_beta   90.00
_cell.angle_gamma   90.00
#
_symmetry.space_group_name_H-M   'C 2 2 21'
#
loop_
_entity.id
_entity.type
_entity.pdbx_description
1 polymer "5'-D(*TP*GP*CP*GP*AP*CP*AP*TP*AP*AP*AP*AP*AP*C)-3'"
2 polymer "5'-D(*AP*GP*TP*TP*TP*TP*TP*AP*TP*GP*TP*CP*GP*C)-3'"
3 polymer 'NDT80 protein'
4 water water
#
loop_
_entity_poly.entity_id
_entity_poly.type
_entity_poly.pdbx_seq_one_letter_code
_entity_poly.pdbx_strand_id
1 'polydeoxyribonucleotide' (DT)(DG)(DC)(DG)(DA)(DC)(DA)(DT)(DA)(DA)(DA)(DA)(DA)(DC) B
2 'polydeoxyribonucleotide' (DA)(DG)(DT)(DT)(DT)(DT)(DT)(DA)(DT)(DG)(DT)(DC)(DG)(DC) C
3 'polypeptide(L)'
;GPLGSMNEMENTDPVLQDDLVSKYERELSTEQEEDTPVILTQLNEDGTTSNYFDKRKLKIAPRSTLQFKVGPPFELVRDY
CPVVESHTGRTLDLRIIPRIDRGFDHIDEEWVGYKRNYFTLVSTFETANCDLDTFLKSSFDLLVEDSSVEGRLRVQYFAI
KIKAKNDDDDTEINLVQHTAKRDKGPQFCPSVCPLVPSPLPKHQTIREASNVRNITKMKKYDSTFYLHRDHVNYEEYGVD
SLLFSYPEDSIQKVARYERVQFASSISVKKPSQQNKHFSLHVILGAVVDPDTFHGENPGIPYDELALKNGSKGMFVYLQE
MKTPPLIIRGRSPSNYASSQRITVR
;
A
#
# COMPACT_ATOMS: atom_id res chain seq x y z
N VAL C 38 11.90 -26.99 -8.60
CA VAL C 38 10.44 -26.77 -8.85
C VAL C 38 9.87 -25.71 -7.88
N ILE C 39 10.18 -25.84 -6.58
CA ILE C 39 9.85 -24.81 -5.59
C ILE C 39 11.13 -24.32 -4.99
N LEU C 40 11.37 -23.01 -5.04
CA LEU C 40 12.56 -22.39 -4.47
C LEU C 40 12.16 -21.58 -3.26
N THR C 41 12.84 -21.82 -2.17
CA THR C 41 12.40 -21.33 -0.88
C THR C 41 13.40 -20.31 -0.32
N GLN C 42 12.85 -19.20 0.17
CA GLN C 42 13.58 -18.12 0.86
C GLN C 42 12.96 -17.92 2.24
N LEU C 43 13.82 -17.71 3.23
CA LEU C 43 13.38 -17.42 4.57
C LEU C 43 13.06 -15.93 4.71
N ASN C 44 11.86 -15.62 5.20
CA ASN C 44 11.41 -14.23 5.39
C ASN C 44 11.97 -13.71 6.70
N GLU C 45 11.79 -12.43 6.96
CA GLU C 45 12.34 -11.78 8.14
C GLU C 45 11.82 -12.36 9.45
N ASP C 46 10.59 -12.87 9.43
CA ASP C 46 9.90 -13.34 10.65
C ASP C 46 9.94 -14.87 10.80
N GLY C 47 10.65 -15.52 9.89
CA GLY C 47 10.85 -16.96 9.96
C GLY C 47 9.85 -17.80 9.18
N THR C 48 8.91 -17.12 8.54
CA THR C 48 8.08 -17.80 7.56
C THR C 48 8.90 -17.97 6.30
N THR C 49 8.37 -18.75 5.36
CA THR C 49 9.03 -18.92 4.07
C THR C 49 8.21 -18.33 2.95
N SER C 50 8.94 -17.89 1.94
CA SER C 50 8.39 -17.59 0.63
C SER C 50 8.83 -18.71 -0.28
N ASN C 51 7.87 -19.30 -0.98
CA ASN C 51 8.05 -20.45 -1.85
C ASN C 51 7.68 -20.06 -3.27
N TYR C 52 8.70 -19.84 -4.06
CA TYR C 52 8.53 -19.37 -5.42
C TYR C 52 8.39 -20.54 -6.36
N PHE C 53 7.31 -20.55 -7.14
CA PHE C 53 7.09 -21.61 -8.12
C PHE C 53 6.43 -21.01 -9.36
N ASP C 54 6.59 -21.71 -10.48
CA ASP C 54 6.16 -21.22 -11.77
C ASP C 54 4.84 -21.92 -12.07
N LYS C 55 3.77 -21.14 -12.18
CA LYS C 55 2.43 -21.71 -12.35
C LYS C 55 2.25 -22.34 -13.74
N ARG C 56 3.21 -22.11 -14.64
CA ARG C 56 3.26 -22.82 -15.91
C ARG C 56 3.58 -24.30 -15.71
N LYS C 57 4.29 -24.59 -14.62
CA LYS C 57 4.86 -25.91 -14.36
C LYS C 57 4.23 -26.63 -13.18
N LEU C 58 3.72 -25.89 -12.20
CA LEU C 58 3.18 -26.46 -10.97
C LEU C 58 1.90 -25.74 -10.56
N LYS C 59 0.84 -26.53 -10.39
CA LYS C 59 -0.45 -26.04 -9.96
C LYS C 59 -0.65 -26.37 -8.48
N ILE C 60 -0.89 -25.32 -7.70
CA ILE C 60 -1.08 -25.38 -6.26
C ILE C 60 -2.49 -24.88 -5.94
N ALA C 61 -3.09 -25.45 -4.89
CA ALA C 61 -4.44 -25.12 -4.45
C ALA C 61 -4.58 -23.63 -4.17
N PRO C 62 -5.75 -23.05 -4.41
CA PRO C 62 -5.95 -21.60 -4.20
C PRO C 62 -5.65 -21.07 -2.79
N ARG C 63 -5.91 -21.86 -1.75
CA ARG C 63 -5.78 -21.44 -0.37
C ARG C 63 -4.54 -22.07 0.29
N SER C 64 -3.71 -22.73 -0.48
CA SER C 64 -2.44 -23.20 0.05
C SER C 64 -1.61 -22.03 0.58
N THR C 65 -0.95 -22.22 1.72
CA THR C 65 -0.05 -21.20 2.26
C THR C 65 1.08 -20.92 1.28
N LEU C 66 1.32 -21.81 0.33
CA LEU C 66 2.34 -21.57 -0.71
C LEU C 66 1.99 -20.41 -1.63
N GLN C 67 0.74 -19.96 -1.62
CA GLN C 67 0.35 -18.78 -2.41
C GLN C 67 0.75 -17.48 -1.73
N PHE C 68 1.06 -17.51 -0.43
CA PHE C 68 1.54 -16.35 0.30
C PHE C 68 3.07 -16.31 0.22
N LYS C 69 3.61 -15.18 -0.21
CA LYS C 69 5.04 -15.04 -0.33
C LYS C 69 5.37 -13.56 -0.46
N VAL C 70 6.57 -13.21 -0.02
CA VAL C 70 7.04 -11.82 -0.11
C VAL C 70 7.45 -11.55 -1.55
N GLY C 71 7.02 -10.40 -2.05
CA GLY C 71 7.27 -9.98 -3.41
C GLY C 71 8.55 -9.18 -3.51
N PRO C 72 8.68 -8.42 -4.58
CA PRO C 72 9.90 -7.67 -4.81
C PRO C 72 10.10 -6.55 -3.77
N PRO C 73 11.33 -6.24 -3.42
CA PRO C 73 11.62 -5.12 -2.53
C PRO C 73 11.39 -3.78 -3.20
N PHE C 74 10.91 -2.80 -2.44
CA PHE C 74 10.65 -1.48 -2.97
C PHE C 74 11.90 -0.61 -2.82
N GLU C 75 12.01 0.37 -3.71
CA GLU C 75 13.11 1.32 -3.74
C GLU C 75 12.54 2.75 -3.78
N LEU C 76 13.29 3.70 -3.21
CA LEU C 76 12.94 5.10 -3.29
C LEU C 76 12.92 5.63 -4.72
N VAL C 77 11.84 6.32 -5.08
CA VAL C 77 11.78 7.08 -6.32
C VAL C 77 12.28 8.48 -6.01
N ARG C 78 11.58 9.18 -5.14
CA ARG C 78 12.07 10.45 -4.64
C ARG C 78 11.29 10.94 -3.44
N ASP C 79 11.87 11.94 -2.80
CA ASP C 79 11.21 12.75 -1.80
C ASP C 79 10.70 14.02 -2.47
N TYR C 80 9.58 14.51 -1.97
CA TYR C 80 8.88 15.64 -2.55
C TYR C 80 8.80 16.80 -1.51
N CYS C 81 7.62 17.11 -0.98
CA CYS C 81 7.48 18.32 -0.16
C CYS C 81 7.96 18.08 1.27
N PRO C 82 8.82 18.94 1.79
CA PRO C 82 9.19 18.88 3.21
C PRO C 82 8.01 19.22 4.13
N VAL C 83 8.00 18.61 5.31
CA VAL C 83 7.01 18.83 6.34
C VAL C 83 7.72 19.26 7.59
N VAL C 84 7.23 20.31 8.24
CA VAL C 84 7.82 20.79 9.49
C VAL C 84 6.78 20.89 10.61
N GLU C 85 7.22 20.71 11.85
CA GLU C 85 6.37 20.87 13.02
C GLU C 85 6.15 22.36 13.20
N SER C 86 4.92 22.77 13.49
CA SER C 86 4.53 24.20 13.37
C SER C 86 5.12 25.22 14.36
N HIS C 87 5.66 24.80 15.51
CA HIS C 87 6.37 25.75 16.40
C HIS C 87 7.89 25.60 16.40
N THR C 88 8.34 24.35 16.60
CA THR C 88 9.78 24.06 16.69
C THR C 88 10.46 24.28 15.33
N GLY C 89 9.70 24.05 14.26
CA GLY C 89 10.20 24.17 12.90
C GLY C 89 10.98 22.94 12.45
N ARG C 90 11.02 21.90 13.30
CA ARG C 90 11.77 20.68 13.04
C ARG C 90 11.21 19.97 11.82
N THR C 91 12.09 19.57 10.91
CA THR C 91 11.69 18.80 9.75
C THR C 91 11.34 17.39 10.19
N LEU C 92 10.20 16.91 9.70
CA LEU C 92 9.73 15.57 9.96
C LEU C 92 10.37 14.59 8.96
N ASP C 93 11.16 13.64 9.46
CA ASP C 93 11.81 12.61 8.68
CA ASP C 93 11.81 12.68 8.56
C ASP C 93 10.68 11.61 8.39
C ASP C 93 11.02 11.37 8.34
N LEU C 94 10.54 11.22 7.14
N LEU C 94 10.52 11.24 7.12
CA LEU C 94 9.51 10.26 6.77
C LEU C 94 10.10 9.11 5.99
N ARG C 95 9.50 7.93 6.18
CA ARG C 95 9.88 6.76 5.42
C ARG C 95 8.68 5.85 5.22
N ILE C 96 8.40 5.55 3.95
CA ILE C 96 7.43 4.52 3.59
C ILE C 96 8.02 3.14 3.89
N ILE C 97 7.20 2.23 4.44
CA ILE C 97 7.62 0.85 4.74
C ILE C 97 6.61 -0.11 4.11
N PRO C 98 6.85 -0.48 2.86
CA PRO C 98 5.92 -1.29 2.07
C PRO C 98 6.38 -2.72 1.87
N ARG C 99 5.44 -3.59 1.53
CA ARG C 99 5.76 -4.98 1.20
C ARG C 99 4.63 -5.59 0.42
N ILE C 100 4.97 -6.50 -0.50
CA ILE C 100 4.00 -7.32 -1.19
C ILE C 100 4.00 -8.71 -0.52
N ASP C 101 2.82 -9.24 -0.21
CA ASP C 101 2.66 -10.47 0.55
C ASP C 101 1.98 -11.61 -0.20
N ARG C 102 1.58 -11.35 -1.44
CA ARG C 102 0.88 -12.33 -2.28
C ARG C 102 0.95 -11.84 -3.71
N GLY C 103 1.04 -12.78 -4.65
CA GLY C 103 0.83 -12.46 -6.06
C GLY C 103 2.06 -12.45 -6.94
N PHE C 104 3.25 -12.45 -6.38
CA PHE C 104 4.47 -12.33 -7.16
C PHE C 104 5.54 -13.36 -6.80
N ASP C 105 6.07 -14.02 -7.82
CA ASP C 105 7.13 -15.00 -7.65
C ASP C 105 8.42 -14.52 -8.27
N HIS C 106 9.54 -14.86 -7.64
CA HIS C 106 10.85 -14.57 -8.17
C HIS C 106 11.27 -15.81 -8.99
N ILE C 107 11.20 -15.69 -10.31
CA ILE C 107 11.48 -16.80 -11.23
C ILE C 107 12.58 -16.37 -12.19
N ASP C 108 13.75 -17.02 -12.11
CA ASP C 108 14.84 -16.73 -13.05
C ASP C 108 15.13 -15.25 -13.14
N GLU C 109 15.35 -14.65 -11.98
CA GLU C 109 15.73 -13.24 -11.86
C GLU C 109 14.68 -12.25 -12.37
N GLU C 110 13.45 -12.71 -12.57
CA GLU C 110 12.34 -11.82 -12.88
C GLU C 110 11.29 -11.94 -11.79
N TRP C 111 10.56 -10.87 -11.56
CA TRP C 111 9.40 -10.92 -10.66
C TRP C 111 8.14 -11.05 -11.49
N VAL C 112 7.38 -12.11 -11.26
CA VAL C 112 6.30 -12.51 -12.14
C VAL C 112 4.97 -12.59 -11.40
N GLY C 113 3.95 -11.91 -11.93
CA GLY C 113 2.60 -11.97 -11.42
C GLY C 113 1.69 -12.53 -12.48
N TYR C 114 0.43 -12.81 -12.11
CA TYR C 114 -0.56 -13.36 -13.03
C TYR C 114 -1.75 -12.40 -13.11
N LYS C 115 -2.10 -12.00 -14.31
CA LYS C 115 -3.22 -11.11 -14.53
C LYS C 115 -4.49 -11.55 -13.79
N ARG C 116 -4.79 -12.85 -13.82
CA ARG C 116 -6.06 -13.36 -13.27
C ARG C 116 -6.10 -13.45 -11.75
N ASN C 117 -4.97 -13.26 -11.08
CA ASN C 117 -4.87 -13.59 -9.66
C ASN C 117 -4.63 -12.38 -8.79
N TYR C 118 -4.92 -12.55 -7.50
CA TYR C 118 -4.77 -11.48 -6.52
C TYR C 118 -3.33 -11.24 -6.11
N PHE C 119 -3.03 -9.97 -5.89
CA PHE C 119 -1.86 -9.59 -5.11
C PHE C 119 -2.28 -8.80 -3.88
N THR C 120 -1.41 -8.80 -2.89
CA THR C 120 -1.54 -8.03 -1.67
C THR C 120 -0.34 -7.10 -1.54
N LEU C 121 -0.63 -5.82 -1.34
CA LEU C 121 0.38 -4.79 -1.08
C LEU C 121 0.00 -4.07 0.22
N VAL C 122 0.88 -4.12 1.20
CA VAL C 122 0.70 -3.45 2.48
C VAL C 122 1.74 -2.36 2.68
N SER C 123 1.39 -1.32 3.43
CA SER C 123 2.37 -0.30 3.75
C SER C 123 2.02 0.44 5.01
N THR C 124 3.06 0.84 5.73
CA THR C 124 2.95 1.85 6.77
C THR C 124 3.89 2.97 6.41
N PHE C 125 3.97 3.96 7.27
CA PHE C 125 5.10 4.88 7.24
C PHE C 125 5.60 5.12 8.64
N GLU C 126 6.83 5.60 8.73
CA GLU C 126 7.38 5.97 10.03
C GLU C 126 8.01 7.34 10.01
N THR C 127 8.09 7.92 11.21
CA THR C 127 8.68 9.21 11.46
C THR C 127 9.80 8.99 12.45
N ALA C 128 11.01 8.90 11.93
CA ALA C 128 12.19 8.50 12.70
C ALA C 128 12.44 9.40 13.89
N ASN C 129 12.08 10.68 13.75
CA ASN C 129 12.39 11.66 14.78
C ASN C 129 11.19 12.12 15.65
N CYS C 130 10.11 11.34 15.63
CA CYS C 130 8.88 11.72 16.35
C CYS C 130 8.13 10.48 16.80
N ASP C 131 7.91 10.32 18.10
CA ASP C 131 7.17 9.15 18.58
C ASP C 131 5.69 9.39 18.33
N LEU C 132 4.93 8.32 18.18
CA LEU C 132 3.52 8.45 17.76
C LEU C 132 2.72 9.34 18.68
N ASP C 133 2.88 9.14 19.97
CA ASP C 133 2.04 9.87 20.92
C ASP C 133 2.26 11.40 20.81
N THR C 134 3.51 11.83 20.67
CA THR C 134 3.84 13.23 20.45
C THR C 134 3.33 13.76 19.11
N PHE C 135 3.55 12.97 18.07
CA PHE C 135 3.14 13.27 16.71
C PHE C 135 1.65 13.63 16.65
N LEU C 136 0.82 12.84 17.31
CA LEU C 136 -0.62 13.01 17.21
C LEU C 136 -1.10 14.29 17.93
N LYS C 137 -0.33 14.75 18.92
CA LYS C 137 -0.68 15.98 19.65
C LYS C 137 -0.16 17.25 18.99
N SER C 138 0.77 17.10 18.05
CA SER C 138 1.42 18.21 17.38
C SER C 138 0.62 18.64 16.16
N SER C 139 1.15 19.65 15.47
CA SER C 139 0.59 20.07 14.18
C SER C 139 1.75 20.31 13.22
N PHE C 140 1.48 20.15 11.93
CA PHE C 140 2.54 20.13 10.92
C PHE C 140 2.14 20.94 9.69
N ASP C 141 3.12 21.61 9.10
CA ASP C 141 2.95 22.40 7.89
C ASP C 141 3.83 21.86 6.78
N LEU C 142 3.38 22.10 5.54
CA LEU C 142 4.21 21.88 4.38
C LEU C 142 5.05 23.12 4.18
N LEU C 143 6.32 22.89 3.86
CA LEU C 143 7.26 23.95 3.53
C LEU C 143 7.28 24.01 2.01
N VAL C 144 6.52 24.94 1.44
CA VAL C 144 6.45 25.09 -0.01
C VAL C 144 7.52 26.04 -0.55
N GLY C 151 4.74 30.74 3.35
CA GLY C 151 4.60 29.58 2.49
C GLY C 151 4.44 28.31 3.31
N ARG C 152 3.28 28.20 3.98
CA ARG C 152 2.97 27.05 4.84
C ARG C 152 1.50 26.63 4.77
N LEU C 153 1.25 25.46 4.19
CA LEU C 153 -0.06 24.86 4.19
C LEU C 153 -0.13 23.92 5.38
N ARG C 154 -1.23 23.95 6.12
CA ARG C 154 -1.39 23.06 7.29
C ARG C 154 -1.76 21.67 6.82
N VAL C 155 -1.05 20.67 7.33
CA VAL C 155 -1.40 19.29 7.07
C VAL C 155 -2.63 18.89 7.88
N GLN C 156 -3.68 18.40 7.21
CA GLN C 156 -4.84 17.85 7.89
C GLN C 156 -4.59 16.43 8.35
N TYR C 157 -3.99 15.63 7.47
CA TYR C 157 -3.67 14.25 7.76
C TYR C 157 -2.72 13.69 6.72
N PHE C 158 -2.08 12.57 7.08
CA PHE C 158 -1.21 11.83 6.18
C PHE C 158 -1.95 10.63 5.60
N ALA C 159 -1.60 10.25 4.39
CA ALA C 159 -2.26 9.17 3.70
C ALA C 159 -1.38 8.52 2.66
N ILE C 160 -1.72 7.28 2.32
CA ILE C 160 -1.04 6.54 1.26
C ILE C 160 -1.99 6.28 0.10
N LYS C 161 -1.44 6.31 -1.11
CA LYS C 161 -2.12 5.70 -2.26
C LYS C 161 -1.14 4.83 -3.02
N ILE C 162 -1.69 3.90 -3.79
CA ILE C 162 -0.90 3.07 -4.66
C ILE C 162 -1.28 3.31 -6.12
N LYS C 163 -0.32 3.03 -6.97
CA LYS C 163 -0.53 3.11 -8.43
C LYS C 163 0.24 2.00 -9.11
N ALA C 164 -0.23 1.63 -10.28
CA ALA C 164 0.55 0.80 -11.18
C ALA C 164 0.97 1.62 -12.40
N LYS C 165 2.16 1.33 -12.88
CA LYS C 165 2.70 1.99 -14.07
C LYS C 165 3.37 1.03 -15.03
N ASN C 166 3.37 1.41 -16.30
CA ASN C 166 4.32 0.86 -17.24
C ASN C 166 5.70 1.44 -16.92
N ASP C 167 6.63 0.58 -16.50
CA ASP C 167 7.92 1.02 -16.00
C ASP C 167 8.83 1.57 -17.09
N ASP C 168 8.53 1.28 -18.35
CA ASP C 168 9.33 1.75 -19.48
C ASP C 168 8.94 3.17 -19.94
N ASP C 169 7.65 3.53 -19.85
CA ASP C 169 7.22 4.86 -20.30
C ASP C 169 6.43 5.72 -19.31
N ASP C 170 6.23 5.22 -18.09
CA ASP C 170 5.55 5.96 -17.02
C ASP C 170 4.03 6.12 -17.22
N THR C 171 3.46 5.43 -18.20
CA THR C 171 2.01 5.42 -18.36
C THR C 171 1.35 4.73 -17.16
N GLU C 172 0.30 5.32 -16.61
CA GLU C 172 -0.43 4.72 -15.51
C GLU C 172 -1.36 3.62 -16.01
N ILE C 173 -1.40 2.55 -15.24
CA ILE C 173 -2.19 1.36 -15.49
C ILE C 173 -3.25 1.20 -14.36
N ASN C 174 -4.50 0.98 -14.72
CA ASN C 174 -5.56 0.87 -13.73
C ASN C 174 -5.42 -0.40 -12.88
N LEU C 175 -5.66 -0.24 -11.58
CA LEU C 175 -5.78 -1.34 -10.64
C LEU C 175 -7.24 -1.49 -10.24
N VAL C 176 -7.62 -2.72 -9.92
CA VAL C 176 -8.96 -3.02 -9.45
C VAL C 176 -8.85 -3.90 -8.21
N GLN C 177 -9.80 -3.77 -7.31
CA GLN C 177 -9.91 -4.63 -6.14
C GLN C 177 -11.28 -5.26 -6.08
N HIS C 178 -11.34 -6.43 -5.46
CA HIS C 178 -12.62 -7.05 -5.15
C HIS C 178 -12.74 -7.24 -3.66
N THR C 179 -13.95 -7.53 -3.21
CA THR C 179 -14.20 -8.08 -1.88
C THR C 179 -13.97 -9.60 -1.93
N ALA C 180 -14.01 -10.23 -0.77
CA ALA C 180 -13.89 -11.68 -0.71
C ALA C 180 -14.92 -12.41 -1.59
N LYS C 181 -16.05 -11.77 -1.85
CA LYS C 181 -17.12 -12.36 -2.68
C LYS C 181 -16.78 -12.29 -4.16
N ARG C 182 -15.72 -11.55 -4.51
CA ARG C 182 -15.23 -11.44 -5.89
C ARG C 182 -16.35 -11.01 -6.86
N ASP C 183 -16.68 -11.83 -7.85
CA ASP C 183 -17.67 -11.46 -8.88
C ASP C 183 -19.10 -11.36 -8.33
N LYS C 184 -19.33 -11.91 -7.14
CA LYS C 184 -20.61 -11.79 -6.44
C LYS C 184 -20.71 -10.55 -5.53
N GLY C 185 -19.65 -9.73 -5.51
CA GLY C 185 -19.65 -8.46 -4.82
C GLY C 185 -19.17 -7.36 -5.74
N PRO C 186 -19.00 -6.15 -5.21
CA PRO C 186 -18.58 -5.02 -6.03
C PRO C 186 -17.09 -5.04 -6.37
N GLN C 187 -16.73 -4.34 -7.44
CA GLN C 187 -15.36 -4.03 -7.83
C GLN C 187 -15.12 -2.59 -7.47
N PHE C 188 -13.89 -2.26 -7.12
CA PHE C 188 -13.54 -0.88 -6.79
C PHE C 188 -12.07 -0.61 -7.08
N CYS C 189 -11.70 0.65 -7.22
CA CYS C 189 -10.32 1.04 -7.43
C CYS C 189 -9.71 1.28 -6.05
N PRO C 190 -8.42 0.99 -5.88
CA PRO C 190 -7.77 1.28 -4.60
C PRO C 190 -8.01 2.72 -4.19
N SER C 191 -8.25 2.90 -2.91
CA SER C 191 -8.52 4.24 -2.38
C SER C 191 -7.33 4.80 -1.63
N VAL C 192 -7.39 6.10 -1.39
CA VAL C 192 -6.42 6.79 -0.57
C VAL C 192 -6.74 6.39 0.87
N CYS C 193 -5.70 6.03 1.61
CA CYS C 193 -5.85 5.50 2.96
C CYS C 193 -5.22 6.44 3.96
N PRO C 194 -6.01 7.17 4.75
CA PRO C 194 -5.42 7.93 5.87
C PRO C 194 -4.71 6.99 6.81
N LEU C 195 -3.54 7.37 7.28
CA LEU C 195 -2.78 6.53 8.17
C LEU C 195 -2.00 7.34 9.17
N VAL C 196 -1.74 6.73 10.34
CA VAL C 196 -0.79 7.24 11.29
C VAL C 196 0.42 6.33 11.32
N PRO C 197 1.59 6.84 11.71
CA PRO C 197 2.82 6.04 11.65
C PRO C 197 2.79 4.80 12.52
N SER C 198 3.34 3.73 11.99
CA SER C 198 3.32 2.42 12.61
C SER C 198 4.38 1.53 12.02
N PRO C 199 4.92 0.58 12.79
CA PRO C 199 5.74 -0.46 12.19
C PRO C 199 4.89 -1.33 11.26
N LEU C 200 5.51 -1.87 10.23
CA LEU C 200 4.83 -2.76 9.31
C LEU C 200 4.69 -4.15 9.94
N PRO C 201 3.48 -4.71 9.99
CA PRO C 201 3.33 -6.06 10.53
C PRO C 201 4.14 -7.07 9.75
N LYS C 202 4.61 -8.10 10.46
CA LYS C 202 5.28 -9.24 9.86
C LYS C 202 4.40 -9.92 8.79
N HIS C 203 5.06 -10.60 7.86
CA HIS C 203 4.37 -11.35 6.83
C HIS C 203 3.35 -12.33 7.43
N GLN C 204 3.72 -13.01 8.52
CA GLN C 204 2.79 -13.96 9.14
C GLN C 204 1.51 -13.28 9.63
N THR C 205 1.64 -12.08 10.14
CA THR C 205 0.48 -11.37 10.65
C THR C 205 -0.48 -10.99 9.54
N ILE C 206 0.05 -10.52 8.42
CA ILE C 206 -0.79 -10.22 7.27
C ILE C 206 -1.50 -11.49 6.78
N ARG C 207 -0.78 -12.60 6.68
CA ARG C 207 -1.42 -13.88 6.36
C ARG C 207 -2.57 -14.22 7.26
N GLU C 208 -2.31 -14.15 8.56
CA GLU C 208 -3.30 -14.55 9.56
C GLU C 208 -4.55 -13.71 9.55
N ALA C 209 -4.41 -12.44 9.18
CA ALA C 209 -5.49 -11.49 9.24
C ALA C 209 -6.25 -11.38 7.91
N SER C 210 -5.87 -12.17 6.92
CA SER C 210 -6.40 -11.98 5.55
C SER C 210 -7.88 -12.29 5.36
N ASN C 211 -8.42 -13.22 6.14
CA ASN C 211 -9.81 -13.62 5.98
C ASN C 211 -10.46 -13.90 7.33
N VAL C 212 -10.34 -12.91 8.24
CA VAL C 212 -10.96 -12.98 9.57
C VAL C 212 -12.37 -12.40 9.58
N ARG C 213 -13.29 -13.17 10.13
CA ARG C 213 -14.68 -12.74 10.37
C ARG C 213 -15.04 -12.83 11.86
N ASN C 214 -14.60 -13.89 12.51
CA ASN C 214 -14.85 -14.15 13.93
C ASN C 214 -14.50 -12.94 14.80
N ILE C 215 -15.46 -12.51 15.62
CA ILE C 215 -15.31 -11.28 16.41
C ILE C 215 -14.16 -11.37 17.39
N THR C 216 -13.97 -12.52 18.00
CA THR C 216 -12.89 -12.68 18.98
C THR C 216 -11.52 -12.52 18.31
N LYS C 217 -11.36 -13.12 17.14
CA LYS C 217 -10.12 -13.01 16.38
C LYS C 217 -9.93 -11.59 15.86
N MET C 218 -11.02 -10.93 15.46
CA MET C 218 -10.93 -9.54 15.02
C MET C 218 -10.39 -8.67 16.16
N LYS C 219 -10.83 -8.94 17.38
CA LYS C 219 -10.42 -8.16 18.53
C LYS C 219 -8.91 -8.28 18.75
N LYS C 220 -8.41 -9.48 18.53
CA LYS C 220 -6.98 -9.74 18.68
C LYS C 220 -6.13 -8.86 17.78
N TYR C 221 -6.62 -8.57 16.57
CA TYR C 221 -5.85 -7.84 15.56
C TYR C 221 -6.14 -6.35 15.52
N ASP C 222 -7.15 -5.93 16.27
CA ASP C 222 -7.64 -4.56 16.17
C ASP C 222 -6.56 -3.53 16.43
N SER C 223 -5.77 -3.73 17.48
CA SER C 223 -4.77 -2.74 17.87
C SER C 223 -3.60 -2.69 16.88
N THR C 224 -3.44 -3.74 16.09
CA THR C 224 -2.41 -3.75 15.07
C THR C 224 -2.80 -2.88 13.88
N PHE C 225 -4.07 -2.90 13.53
CA PHE C 225 -4.54 -2.28 12.28
C PHE C 225 -5.24 -0.93 12.42
N TYR C 226 -5.70 -0.60 13.63
CA TYR C 226 -6.53 0.58 13.82
C TYR C 226 -6.17 1.36 15.06
N LEU C 227 -6.34 2.67 14.96
CA LEU C 227 -6.39 3.59 16.09
C LEU C 227 -7.82 4.12 16.15
N HIS C 228 -8.50 3.95 17.28
CA HIS C 228 -9.84 4.48 17.46
C HIS C 228 -9.79 5.78 18.22
N ARG C 229 -9.91 6.88 17.50
CA ARG C 229 -9.75 8.21 18.06
C ARG C 229 -10.83 8.48 19.10
N ASP C 230 -12.02 7.90 18.88
CA ASP C 230 -13.10 8.05 19.83
C ASP C 230 -12.82 7.45 21.20
N HIS C 231 -11.76 6.67 21.34
CA HIS C 231 -11.38 6.09 22.63
C HIS C 231 -10.26 6.81 23.37
N VAL C 232 -9.69 7.87 22.79
CA VAL C 232 -8.66 8.62 23.49
C VAL C 232 -9.33 9.60 24.46
N ASN C 233 -8.55 10.08 25.41
CA ASN C 233 -8.97 11.14 26.29
C ASN C 233 -8.87 12.48 25.56
N TYR C 234 -10.02 13.03 25.15
CA TYR C 234 -10.05 14.25 24.35
C TYR C 234 -9.42 15.43 25.06
N GLU C 235 -9.47 15.45 26.39
CA GLU C 235 -8.88 16.55 27.14
C GLU C 235 -7.38 16.68 27.01
N GLU C 236 -6.70 15.61 26.58
CA GLU C 236 -5.26 15.65 26.36
C GLU C 236 -4.83 16.34 25.07
N TYR C 237 -5.80 16.72 24.23
CA TYR C 237 -5.53 17.21 22.88
C TYR C 237 -6.04 18.61 22.63
N GLY C 238 -5.24 19.40 21.93
CA GLY C 238 -5.70 20.70 21.48
C GLY C 238 -6.53 20.58 20.23
N VAL C 239 -7.37 21.59 20.00
CA VAL C 239 -8.24 21.63 18.85
C VAL C 239 -7.50 21.52 17.53
N ASP C 240 -6.28 22.04 17.51
CA ASP C 240 -5.48 22.06 16.28
C ASP C 240 -4.61 20.81 16.10
N SER C 241 -4.72 19.85 17.01
CA SER C 241 -3.87 18.67 16.97
C SER C 241 -4.10 17.85 15.72
N LEU C 242 -3.04 17.23 15.25
CA LEU C 242 -3.12 16.42 14.04
C LEU C 242 -4.18 15.31 14.17
N LEU C 243 -4.24 14.65 15.31
CA LEU C 243 -5.19 13.54 15.47
C LEU C 243 -6.60 13.96 15.13
N PHE C 244 -6.94 15.17 15.54
CA PHE C 244 -8.32 15.65 15.37
C PHE C 244 -8.64 16.32 14.02
N SER C 245 -7.66 16.36 13.11
CA SER C 245 -7.92 16.73 11.71
C SER C 245 -8.01 15.50 10.75
N TYR C 246 -7.81 14.29 11.27
CA TYR C 246 -8.08 13.07 10.49
C TYR C 246 -9.58 13.04 10.21
N PRO C 247 -9.97 12.50 9.06
CA PRO C 247 -11.37 12.61 8.60
C PRO C 247 -12.38 11.73 9.33
N GLU C 248 -11.95 10.60 9.88
CA GLU C 248 -12.82 9.67 10.59
C GLU C 248 -12.20 9.23 11.91
N ASP C 249 -13.05 8.77 12.82
CA ASP C 249 -12.59 8.27 14.12
C ASP C 249 -11.72 7.01 14.00
N SER C 250 -12.08 6.10 13.07
CA SER C 250 -11.33 4.89 12.89
C SER C 250 -10.23 5.19 11.89
N ILE C 251 -9.00 5.16 12.37
CA ILE C 251 -7.83 5.54 11.58
C ILE C 251 -6.96 4.31 11.43
N GLN C 252 -6.65 3.97 10.19
CA GLN C 252 -5.79 2.81 9.96
C GLN C 252 -4.33 3.10 10.35
N LYS C 253 -3.67 2.08 10.90
CA LYS C 253 -2.23 2.08 11.14
C LYS C 253 -1.47 1.46 9.99
N VAL C 254 -2.17 0.65 9.19
CA VAL C 254 -1.58 -0.06 8.07
C VAL C 254 -2.50 0.07 6.88
N ALA C 255 -1.95 0.46 5.72
CA ALA C 255 -2.68 0.46 4.46
C ALA C 255 -2.57 -0.98 3.93
N ARG C 256 -3.70 -1.65 3.80
CA ARG C 256 -3.73 -3.04 3.36
C ARG C 256 -4.57 -3.10 2.11
N TYR C 257 -3.92 -3.30 0.98
CA TYR C 257 -4.60 -3.47 -0.29
C TYR C 257 -4.53 -4.94 -0.64
N GLU C 258 -5.65 -5.62 -0.43
CA GLU C 258 -5.76 -7.05 -0.69
C GLU C 258 -6.73 -7.29 -1.85
N ARG C 259 -6.59 -8.45 -2.49
CA ARG C 259 -7.47 -8.84 -3.59
C ARG C 259 -7.35 -7.85 -4.75
N VAL C 260 -6.13 -7.40 -5.00
CA VAL C 260 -5.82 -6.41 -6.03
C VAL C 260 -5.43 -7.14 -7.34
N GLN C 261 -5.87 -6.60 -8.46
CA GLN C 261 -5.43 -7.07 -9.77
C GLN C 261 -5.14 -5.88 -10.69
N PHE C 262 -4.28 -6.10 -11.69
CA PHE C 262 -4.22 -5.17 -12.83
C PHE C 262 -5.56 -5.26 -13.59
N ALA C 263 -5.97 -4.14 -14.16
CA ALA C 263 -7.25 -4.05 -14.86
C ALA C 263 -7.27 -5.11 -15.94
N SER C 264 -8.45 -5.65 -16.23
CA SER C 264 -8.58 -6.79 -17.13
C SER C 264 -8.18 -6.43 -18.56
N SER C 265 -8.12 -5.14 -18.87
CA SER C 265 -7.78 -4.67 -20.20
C SER C 265 -6.29 -4.56 -20.50
N ILE C 266 -5.43 -4.78 -19.49
CA ILE C 266 -3.99 -4.59 -19.69
C ILE C 266 -3.44 -5.54 -20.75
N SER C 267 -2.63 -4.99 -21.66
CA SER C 267 -1.83 -5.81 -22.56
C SER C 267 -0.53 -6.12 -21.87
N VAL C 268 -0.21 -7.40 -21.74
CA VAL C 268 0.98 -7.84 -21.02
C VAL C 268 2.23 -7.95 -21.90
N LYS C 269 2.05 -7.93 -23.22
CA LYS C 269 3.17 -8.00 -24.14
C LYS C 269 3.24 -6.76 -25.01
N LYS C 270 4.45 -6.39 -25.37
CA LYS C 270 4.70 -5.37 -26.38
C LYS C 270 4.43 -5.92 -27.77
N PRO C 271 4.25 -5.07 -28.78
CA PRO C 271 4.12 -5.54 -30.16
C PRO C 271 5.23 -6.51 -30.63
N SER C 272 6.44 -6.33 -30.14
CA SER C 272 7.57 -7.22 -30.45
C SER C 272 7.46 -8.61 -29.83
N GLN C 273 6.41 -8.81 -29.03
CA GLN C 273 6.14 -10.01 -28.21
C GLN C 273 7.01 -10.12 -26.95
N GLN C 274 7.88 -9.13 -26.74
CA GLN C 274 8.62 -9.02 -25.48
C GLN C 274 7.61 -8.70 -24.39
N ASN C 275 7.88 -9.13 -23.16
CA ASN C 275 7.01 -8.76 -22.05
C ASN C 275 7.09 -7.29 -21.74
N LYS C 276 5.93 -6.71 -21.45
CA LYS C 276 5.89 -5.39 -20.86
C LYS C 276 6.46 -5.46 -19.44
N HIS C 277 7.01 -4.35 -18.99
CA HIS C 277 7.51 -4.24 -17.63
C HIS C 277 6.61 -3.28 -16.90
N PHE C 278 6.05 -3.74 -15.78
CA PHE C 278 5.20 -2.92 -14.92
C PHE C 278 5.92 -2.63 -13.61
N SER C 279 5.38 -1.68 -12.85
CA SER C 279 5.90 -1.39 -11.52
C SER C 279 4.76 -0.92 -10.63
N LEU C 280 4.79 -1.35 -9.36
CA LEU C 280 3.85 -0.90 -8.35
C LEU C 280 4.48 0.21 -7.51
N HIS C 281 3.73 1.28 -7.36
CA HIS C 281 4.18 2.48 -6.66
C HIS C 281 3.36 2.70 -5.40
N VAL C 282 4.03 3.17 -4.36
CA VAL C 282 3.40 3.60 -3.11
C VAL C 282 3.78 5.04 -2.89
N ILE C 283 2.78 5.89 -2.68
CA ILE C 283 3.00 7.32 -2.50
C ILE C 283 2.44 7.73 -1.13
N LEU C 284 3.27 8.38 -0.33
CA LEU C 284 2.86 9.00 0.93
C LEU C 284 2.59 10.47 0.67
N GLY C 285 1.43 10.94 1.12
CA GLY C 285 1.03 12.32 0.90
C GLY C 285 0.49 12.98 2.15
N ALA C 286 0.41 14.31 2.08
CA ALA C 286 -0.23 15.11 3.13
C ALA C 286 -1.46 15.71 2.51
N VAL C 287 -2.61 15.52 3.15
CA VAL C 287 -3.86 16.09 2.63
C VAL C 287 -4.05 17.48 3.22
N VAL C 288 -4.25 18.47 2.35
CA VAL C 288 -4.39 19.88 2.75
C VAL C 288 -5.63 20.49 2.12
N ASP C 289 -6.13 21.54 2.74
CA ASP C 289 -7.20 22.40 2.19
C ASP C 289 -6.65 23.24 1.02
N PRO C 290 -7.27 23.17 -0.16
CA PRO C 290 -6.78 23.92 -1.33
C PRO C 290 -6.97 25.44 -1.28
N ASP C 291 -7.74 25.94 -0.31
CA ASP C 291 -8.06 27.36 -0.23
C ASP C 291 -6.81 28.22 0.01
N GLY C 299 2.94 24.84 -7.05
CA GLY C 299 3.80 24.38 -8.14
C GLY C 299 4.60 23.13 -7.82
N ILE C 300 4.00 22.25 -7.03
CA ILE C 300 4.63 21.00 -6.59
C ILE C 300 3.67 19.83 -6.82
N PRO C 301 4.19 18.60 -6.93
CA PRO C 301 3.33 17.46 -7.28
C PRO C 301 2.22 17.14 -6.26
N TYR C 302 1.00 17.01 -6.77
CA TYR C 302 -0.18 16.68 -5.98
C TYR C 302 -1.26 16.08 -6.85
N ASP C 303 -2.15 15.33 -6.21
CA ASP C 303 -3.42 14.90 -6.82
C ASP C 303 -4.61 15.52 -6.09
N GLU C 304 -5.69 15.79 -6.82
CA GLU C 304 -6.94 16.20 -6.19
C GLU C 304 -7.59 15.03 -5.49
N LEU C 305 -8.31 15.31 -4.41
CA LEU C 305 -8.92 14.29 -3.58
C LEU C 305 -10.32 14.74 -3.13
N ALA C 306 -11.31 13.85 -3.18
CA ALA C 306 -12.61 14.12 -2.57
C ALA C 306 -12.46 14.31 -1.06
N LEU C 307 -12.58 15.55 -0.59
CA LEU C 307 -12.39 15.88 0.83
C LEU C 307 -13.61 15.48 1.67
N LYS C 308 -13.45 15.57 2.99
CA LYS C 308 -14.45 15.11 3.95
C LYS C 308 -15.63 16.09 4.06
N ASN C 309 -15.35 17.38 4.01
CA ASN C 309 -16.42 18.41 4.01
C ASN C 309 -17.08 18.64 2.64
N GLY C 310 -16.83 17.73 1.69
CA GLY C 310 -17.44 17.80 0.36
C GLY C 310 -16.59 18.49 -0.69
N SER C 311 -15.71 19.40 -0.24
CA SER C 311 -14.90 20.22 -1.14
C SER C 311 -13.72 19.46 -1.75
N LYS C 312 -12.89 20.16 -2.53
CA LYS C 312 -11.77 19.55 -3.24
C LYS C 312 -10.48 19.66 -2.43
N GLY C 313 -10.06 18.55 -1.81
CA GLY C 313 -8.80 18.50 -1.09
C GLY C 313 -7.62 18.32 -2.04
N MET C 314 -6.41 18.46 -1.51
CA MET C 314 -5.20 18.21 -2.29
C MET C 314 -4.35 17.21 -1.53
N PHE C 315 -4.01 16.12 -2.21
CA PHE C 315 -3.05 15.13 -1.70
C PHE C 315 -1.67 15.52 -2.21
N VAL C 316 -0.89 16.18 -1.37
CA VAL C 316 0.41 16.68 -1.75
C VAL C 316 1.46 15.60 -1.53
N TYR C 317 2.23 15.29 -2.58
CA TYR C 317 3.20 14.22 -2.49
C TYR C 317 4.33 14.55 -1.52
N LEU C 318 4.67 13.57 -0.68
CA LEU C 318 5.80 13.66 0.24
C LEU C 318 6.94 12.71 -0.11
N GLN C 319 6.62 11.47 -0.48
CA GLN C 319 7.63 10.46 -0.79
C GLN C 319 6.97 9.40 -1.66
N GLU C 320 7.75 8.77 -2.53
CA GLU C 320 7.26 7.70 -3.42
C GLU C 320 8.30 6.60 -3.49
N MET C 321 7.84 5.36 -3.41
CA MET C 321 8.67 4.17 -3.63
C MET C 321 8.02 3.33 -4.75
N LYS C 322 8.83 2.46 -5.37
CA LYS C 322 8.34 1.59 -6.43
C LYS C 322 9.05 0.26 -6.43
N THR C 323 8.44 -0.73 -7.06
CA THR C 323 9.11 -2.01 -7.23
C THR C 323 10.03 -1.96 -8.45
N PRO C 324 10.97 -2.89 -8.50
CA PRO C 324 11.66 -3.16 -9.77
C PRO C 324 10.65 -3.61 -10.82
N PRO C 325 11.11 -3.75 -12.06
CA PRO C 325 10.24 -4.22 -13.12
C PRO C 325 9.56 -5.57 -12.81
N LEU C 326 8.30 -5.64 -13.17
CA LEU C 326 7.42 -6.78 -12.98
C LEU C 326 6.93 -7.26 -14.34
N ILE C 327 6.92 -8.58 -14.51
CA ILE C 327 6.29 -9.27 -15.64
C ILE C 327 4.93 -9.75 -15.21
N ILE C 328 3.91 -9.57 -16.05
CA ILE C 328 2.58 -10.09 -15.78
C ILE C 328 2.19 -11.11 -16.83
N ARG C 329 1.83 -12.32 -16.41
CA ARG C 329 1.41 -13.36 -17.32
C ARG C 329 -0.09 -13.26 -17.55
N GLY C 330 -0.47 -13.29 -18.82
CA GLY C 330 -1.86 -13.16 -19.19
C GLY C 330 -2.60 -14.47 -19.17
N ARG C 331 -3.79 -14.45 -19.78
CA ARG C 331 -4.73 -15.57 -19.69
C ARG C 331 -4.44 -16.71 -20.66
N SER C 332 -3.36 -16.60 -21.43
CA SER C 332 -3.03 -17.63 -22.41
C SER C 332 -2.97 -19.00 -21.71
N PRO C 333 -3.45 -20.05 -22.36
CA PRO C 333 -3.38 -21.39 -21.78
C PRO C 333 -1.96 -21.83 -21.49
N SER C 334 -1.01 -21.32 -22.28
CA SER C 334 0.41 -21.63 -22.13
C SER C 334 1.06 -21.03 -20.89
N ASN C 335 0.34 -20.18 -20.17
CA ASN C 335 0.82 -19.71 -18.87
C ASN C 335 0.43 -20.61 -17.70
N TYR C 336 -0.22 -21.74 -18.00
CA TYR C 336 -0.75 -22.62 -16.96
C TYR C 336 -0.31 -24.07 -17.15
N ALA C 337 -0.06 -24.74 -16.02
CA ALA C 337 0.41 -26.11 -16.00
C ALA C 337 -0.58 -27.07 -16.67
N SER C 338 -1.86 -26.68 -16.73
CA SER C 338 -2.88 -27.51 -17.35
C SER C 338 -2.61 -27.77 -18.83
N SER C 339 -1.96 -26.82 -19.50
CA SER C 339 -1.68 -26.96 -20.93
C SER C 339 -0.68 -28.08 -21.25
N GLN C 340 0.15 -28.43 -20.27
CA GLN C 340 1.23 -29.42 -20.46
C GLN C 340 0.78 -30.86 -20.21
#